data_1USN
#
_entry.id   1USN
#
_cell.length_a   72.120
_cell.length_b   72.120
_cell.length_c   192.060
_cell.angle_alpha   90.00
_cell.angle_beta   90.00
_cell.angle_gamma   120.00
#
_symmetry.space_group_name_H-M   'H 3 2'
#
loop_
_entity.id
_entity.type
_entity.pdbx_description
1 polymer STROMELYSIN-1
2 non-polymer 'ZINC ION'
3 non-polymer 'CALCIUM ION'
4 non-polymer 2-[3-(5-MERCAPTO-[1,3,4]THIADIAZOL-2YL)-UREIDO]-N-METHYL-3-PENTAFLUOROPHENYL-PROPIONAMIDE
5 water water
#
_entity_poly.entity_id   1
_entity_poly.type   'polypeptide(L)'
_entity_poly.pdbx_seq_one_letter_code
;FRTFPGIPKWRKTHLTYRIVNYTPDLPKDAVDSAVEKALKVWEEVTPLTFSRLYEGEADIMISFAVREHGDFYPFDGPGN
VLAHAYAPGPGINGDAHFDDDEQWTKDTTGTNLFLVAAHEIGHSLGLFHSANTEALMYPLYHSLTDLTRFRLSQDDINGI
QSLYG
;
_entity_poly.pdbx_strand_id   A
#
loop_
_chem_comp.id
_chem_comp.type
_chem_comp.name
_chem_comp.formula
CA non-polymer 'CALCIUM ION' 'Ca 2'
IN9 non-polymer 2-[3-(5-MERCAPTO-[1,3,4]THIADIAZOL-2YL)-UREIDO]-N-METHYL-3-PENTAFLUOROPHENYL-PROPIONAMIDE 'C13 H10 F5 N5 O2 S2'
ZN non-polymer 'ZINC ION' 'Zn 2'
#
# COMPACT_ATOMS: atom_id res chain seq x y z
N PHE A 1 6.46 11.23 -12.22
CA PHE A 1 6.30 10.62 -10.84
C PHE A 1 6.51 11.77 -9.89
N ARG A 2 6.07 11.63 -8.63
CA ARG A 2 6.37 12.66 -7.64
C ARG A 2 6.75 11.93 -6.36
N THR A 3 7.53 12.54 -5.49
CA THR A 3 7.92 12.07 -4.18
C THR A 3 7.26 12.96 -3.12
N PHE A 4 7.36 12.64 -1.85
CA PHE A 4 6.85 13.55 -0.80
C PHE A 4 7.87 14.67 -0.58
N PRO A 5 7.46 15.85 -0.10
CA PRO A 5 8.36 16.94 0.23
C PRO A 5 9.50 16.56 1.17
N GLY A 6 10.73 16.93 0.72
CA GLY A 6 11.95 16.71 1.54
C GLY A 6 12.54 15.34 1.28
N ILE A 7 11.88 14.61 0.42
CA ILE A 7 12.19 13.23 0.01
C ILE A 7 12.48 12.23 1.09
N PRO A 8 11.53 11.95 1.99
CA PRO A 8 11.75 10.93 3.03
C PRO A 8 11.98 9.55 2.40
N LYS A 9 12.84 8.72 3.00
CA LYS A 9 13.01 7.35 2.49
C LYS A 9 13.60 6.42 3.57
N TRP A 10 13.57 5.11 3.43
CA TRP A 10 14.09 4.11 4.35
C TRP A 10 15.64 4.13 4.30
N ARG A 11 16.29 4.09 5.44
CA ARG A 11 17.73 4.12 5.67
C ARG A 11 18.36 2.74 5.90
N LYS A 12 17.63 1.66 5.67
CA LYS A 12 18.11 0.27 5.69
C LYS A 12 17.45 -0.49 4.54
N THR A 13 17.98 -1.61 4.10
CA THR A 13 17.44 -2.38 3.00
C THR A 13 16.52 -3.53 3.37
N HIS A 14 16.57 -4.03 4.61
CA HIS A 14 15.81 -5.18 5.09
C HIS A 14 14.67 -4.71 6.00
N LEU A 15 13.42 -4.69 5.52
CA LEU A 15 12.26 -4.18 6.26
C LEU A 15 11.36 -5.28 6.80
N THR A 16 10.61 -5.06 7.91
CA THR A 16 9.66 -6.08 8.43
C THR A 16 8.23 -5.57 8.38
N TYR A 17 7.30 -6.50 8.35
CA TYR A 17 5.87 -6.11 8.32
C TYR A 17 5.08 -7.06 9.26
N ARG A 18 3.95 -6.61 9.75
CA ARG A 18 3.04 -7.36 10.63
C ARG A 18 1.57 -7.06 10.24
N ILE A 19 0.73 -8.07 10.07
CA ILE A 19 -0.75 -7.88 9.80
C ILE A 19 -1.41 -8.05 11.17
N VAL A 20 -1.79 -6.97 11.78
CA VAL A 20 -2.31 -6.81 13.10
C VAL A 20 -3.68 -7.43 13.42
N ASN A 21 -4.62 -7.31 12.53
CA ASN A 21 -5.98 -7.80 12.59
C ASN A 21 -6.50 -8.05 11.20
N TYR A 22 -7.68 -8.65 11.07
CA TYR A 22 -8.28 -9.09 9.82
C TYR A 22 -9.69 -8.58 9.56
N THR A 23 -10.01 -8.29 8.33
CA THR A 23 -11.36 -7.94 7.85
C THR A 23 -12.31 -9.14 7.93
N PRO A 24 -13.59 -8.88 8.24
CA PRO A 24 -14.64 -9.91 8.16
C PRO A 24 -14.96 -10.34 6.71
N ASP A 25 -14.64 -9.53 5.71
CA ASP A 25 -14.98 -9.63 4.32
C ASP A 25 -14.44 -10.80 3.53
N LEU A 26 -13.25 -11.25 3.87
CA LEU A 26 -12.61 -12.39 3.15
C LEU A 26 -12.04 -13.31 4.21
N PRO A 27 -11.65 -14.47 3.73
CA PRO A 27 -10.95 -15.47 4.54
C PRO A 27 -9.53 -15.03 4.87
N LYS A 28 -8.92 -15.50 5.96
CA LYS A 28 -7.58 -15.08 6.34
C LYS A 28 -6.52 -15.28 5.28
N ASP A 29 -6.58 -16.48 4.72
CA ASP A 29 -5.68 -16.89 3.64
C ASP A 29 -5.73 -15.88 2.48
N ALA A 30 -6.91 -15.51 2.05
CA ALA A 30 -7.05 -14.57 0.94
C ALA A 30 -6.38 -13.23 1.25
N VAL A 31 -6.42 -12.72 2.44
CA VAL A 31 -5.80 -11.54 2.95
C VAL A 31 -4.27 -11.69 2.98
N ASP A 32 -3.73 -12.73 3.48
CA ASP A 32 -2.27 -12.91 3.52
C ASP A 32 -1.68 -12.83 2.11
N SER A 33 -2.37 -13.51 1.23
CA SER A 33 -1.90 -13.54 -0.17
C SER A 33 -2.02 -12.25 -0.88
N ALA A 34 -3.02 -11.42 -0.77
CA ALA A 34 -3.13 -10.10 -1.39
C ALA A 34 -1.98 -9.16 -0.97
N VAL A 35 -1.59 -9.22 0.26
CA VAL A 35 -0.56 -8.48 0.94
C VAL A 35 0.82 -8.95 0.49
N GLU A 36 1.09 -10.25 0.46
CA GLU A 36 2.40 -10.80 0.01
C GLU A 36 2.66 -10.54 -1.45
N LYS A 37 1.65 -10.64 -2.28
CA LYS A 37 1.71 -10.30 -3.69
C LYS A 37 1.96 -8.81 -3.83
N ALA A 38 1.36 -7.93 -3.05
CA ALA A 38 1.59 -6.48 -3.17
C ALA A 38 3.06 -6.14 -2.84
N LEU A 39 3.62 -6.77 -1.83
CA LEU A 39 5.01 -6.51 -1.43
C LEU A 39 6.01 -7.02 -2.49
N LYS A 40 5.76 -8.10 -3.11
CA LYS A 40 6.61 -8.73 -4.16
C LYS A 40 6.69 -7.84 -5.39
N VAL A 41 5.60 -7.19 -5.78
CA VAL A 41 5.60 -6.22 -6.89
C VAL A 41 6.76 -5.26 -6.70
N TRP A 42 6.96 -4.65 -5.52
CA TRP A 42 7.98 -3.70 -5.21
C TRP A 42 9.35 -4.30 -4.94
N GLU A 43 9.40 -5.46 -4.33
CA GLU A 43 10.68 -6.19 -4.11
C GLU A 43 11.33 -6.54 -5.44
N GLU A 44 10.57 -6.82 -6.51
CA GLU A 44 11.21 -7.12 -7.77
C GLU A 44 12.03 -6.01 -8.42
N VAL A 45 11.70 -4.75 -8.18
CA VAL A 45 12.30 -3.59 -8.85
C VAL A 45 13.08 -2.71 -7.91
N THR A 46 13.42 -3.15 -6.72
CA THR A 46 14.24 -2.41 -5.73
C THR A 46 15.18 -3.43 -5.06
N PRO A 47 16.23 -2.97 -4.42
CA PRO A 47 17.11 -3.87 -3.63
C PRO A 47 16.60 -4.11 -2.22
N LEU A 48 15.36 -3.74 -1.94
CA LEU A 48 14.74 -3.98 -0.57
C LEU A 48 14.25 -5.43 -0.51
N THR A 49 14.16 -5.94 0.71
CA THR A 49 13.57 -7.23 0.99
C THR A 49 12.64 -7.10 2.21
N PHE A 50 11.58 -7.89 2.17
CA PHE A 50 10.58 -7.83 3.27
C PHE A 50 10.53 -9.15 4.05
N SER A 51 10.32 -9.08 5.34
CA SER A 51 10.09 -10.34 6.11
C SER A 51 9.01 -10.12 7.15
N ARG A 52 8.23 -11.13 7.47
CA ARG A 52 7.07 -11.02 8.40
C ARG A 52 7.36 -11.35 9.85
N LEU A 53 6.67 -10.61 10.71
CA LEU A 53 6.70 -10.73 12.17
C LEU A 53 5.26 -11.01 12.66
N TYR A 54 5.21 -11.67 13.81
CA TYR A 54 3.88 -12.05 14.37
C TYR A 54 3.71 -11.41 15.75
N GLU A 55 4.73 -10.79 16.23
CA GLU A 55 4.73 -10.09 17.51
C GLU A 55 5.69 -8.93 17.46
N GLY A 56 5.54 -7.97 18.36
CA GLY A 56 6.40 -6.80 18.41
C GLY A 56 6.06 -5.72 17.40
N GLU A 57 6.85 -4.64 17.38
CA GLU A 57 6.59 -3.54 16.39
C GLU A 57 7.44 -3.75 15.14
N ALA A 58 6.87 -3.95 13.98
CA ALA A 58 7.51 -4.09 12.68
C ALA A 58 7.60 -2.71 12.03
N ASP A 59 8.38 -2.51 10.98
CA ASP A 59 8.57 -1.22 10.29
C ASP A 59 7.22 -0.75 9.71
N ILE A 60 6.59 -1.65 9.00
CA ILE A 60 5.24 -1.39 8.40
C ILE A 60 4.17 -2.16 9.16
N MET A 61 3.33 -1.52 9.94
CA MET A 61 2.22 -2.22 10.69
C MET A 61 0.95 -2.13 9.85
N ILE A 62 0.29 -3.21 9.46
CA ILE A 62 -0.94 -3.14 8.61
C ILE A 62 -2.15 -3.42 9.48
N SER A 63 -3.23 -2.66 9.38
CA SER A 63 -4.42 -2.92 10.24
C SER A 63 -5.66 -2.41 9.54
N PHE A 64 -6.80 -2.95 9.88
CA PHE A 64 -8.15 -2.66 9.47
C PHE A 64 -8.89 -1.89 10.57
N ALA A 65 -9.64 -0.84 10.18
CA ALA A 65 -10.31 0.03 11.13
C ALA A 65 -11.43 0.86 10.52
N VAL A 66 -12.29 1.41 11.39
CA VAL A 66 -13.43 2.22 10.98
C VAL A 66 -13.41 3.57 11.70
N ARG A 67 -13.91 4.61 11.05
CA ARG A 67 -14.03 5.94 11.69
C ARG A 67 -12.81 6.30 12.51
N GLU A 68 -12.97 6.76 13.76
CA GLU A 68 -11.76 7.16 14.52
C GLU A 68 -10.93 5.99 14.97
N HIS A 69 -9.59 6.01 14.82
CA HIS A 69 -8.79 4.80 15.15
C HIS A 69 -7.43 5.07 15.68
N GLY A 70 -7.19 6.30 16.16
CA GLY A 70 -5.90 6.59 16.76
C GLY A 70 -4.93 7.49 16.06
N ASP A 71 -5.36 8.33 15.17
CA ASP A 71 -4.45 9.25 14.43
C ASP A 71 -5.30 10.46 14.10
N PHE A 72 -4.70 11.42 13.42
CA PHE A 72 -5.41 12.63 13.00
C PHE A 72 -6.37 12.46 11.87
N TYR A 73 -6.40 11.32 11.24
CA TYR A 73 -7.30 11.17 10.06
C TYR A 73 -8.33 10.08 10.14
N PRO A 74 -9.54 10.37 10.67
CA PRO A 74 -10.65 9.43 10.78
C PRO A 74 -11.24 9.00 9.46
N PHE A 75 -11.61 7.72 9.42
CA PHE A 75 -12.26 7.09 8.28
C PHE A 75 -13.62 7.76 8.17
N ASP A 76 -14.22 7.66 7.01
CA ASP A 76 -15.48 8.29 6.66
C ASP A 76 -16.63 7.37 6.35
N GLY A 77 -16.69 6.12 6.82
CA GLY A 77 -17.80 5.21 6.45
C GLY A 77 -17.69 4.78 5.00
N PRO A 78 -18.72 4.18 4.42
CA PRO A 78 -18.74 3.65 3.08
C PRO A 78 -18.50 4.66 1.98
N GLY A 79 -17.57 4.31 1.10
CA GLY A 79 -17.11 5.06 -0.05
C GLY A 79 -16.15 6.17 0.31
N ASN A 80 -15.84 7.00 -0.68
CA ASN A 80 -14.94 8.15 -0.54
C ASN A 80 -13.53 7.66 -0.27
N VAL A 81 -12.94 7.95 0.87
CA VAL A 81 -11.59 7.53 1.22
C VAL A 81 -11.54 5.99 1.40
N LEU A 82 -10.61 5.24 0.83
CA LEU A 82 -10.58 3.79 0.99
C LEU A 82 -9.47 3.29 1.93
N ALA A 83 -8.42 4.03 2.11
CA ALA A 83 -7.22 3.64 2.88
C ALA A 83 -6.22 4.79 3.02
N HIS A 84 -5.19 4.65 3.86
CA HIS A 84 -4.19 5.67 4.02
C HIS A 84 -2.91 5.12 4.64
N ALA A 85 -1.81 5.55 4.08
CA ALA A 85 -0.43 5.16 4.41
C ALA A 85 0.49 6.32 4.65
N TYR A 86 1.46 6.15 5.57
CA TYR A 86 2.40 7.28 5.89
C TYR A 86 3.75 7.03 5.26
N ALA A 87 4.48 8.06 4.88
CA ALA A 87 5.86 8.01 4.29
C ALA A 87 6.90 7.42 5.19
N PRO A 88 8.06 6.92 4.74
CA PRO A 88 9.06 6.22 5.54
C PRO A 88 9.53 6.98 6.78
N GLY A 89 9.91 6.34 7.86
CA GLY A 89 10.33 6.96 9.14
C GLY A 89 9.89 6.12 10.34
N PRO A 90 10.23 6.52 11.57
CA PRO A 90 9.88 5.80 12.78
C PRO A 90 8.46 5.97 13.24
N GLY A 91 8.06 5.06 14.11
CA GLY A 91 6.75 5.00 14.70
C GLY A 91 5.66 4.80 13.65
N ILE A 92 4.73 5.74 13.62
CA ILE A 92 3.54 5.63 12.71
C ILE A 92 3.94 5.68 11.24
N ASN A 93 5.08 6.36 11.02
CA ASN A 93 5.68 6.44 9.65
C ASN A 93 5.73 5.04 9.06
N GLY A 94 5.53 4.97 7.77
CA GLY A 94 5.49 3.72 7.01
C GLY A 94 4.23 2.90 7.18
N ASP A 95 3.43 3.05 8.22
CA ASP A 95 2.24 2.21 8.48
C ASP A 95 1.11 2.38 7.50
N ALA A 96 0.34 1.36 7.20
CA ALA A 96 -0.86 1.40 6.38
C ALA A 96 -2.19 1.01 7.04
N HIS A 97 -3.24 1.76 6.93
CA HIS A 97 -4.57 1.52 7.55
C HIS A 97 -5.66 1.43 6.47
N PHE A 98 -6.52 0.41 6.49
CA PHE A 98 -7.60 0.12 5.54
C PHE A 98 -8.99 0.34 6.19
N ASP A 99 -9.85 1.04 5.53
CA ASP A 99 -11.22 1.39 5.99
C ASP A 99 -12.11 0.14 5.94
N ASP A 100 -12.58 -0.39 7.07
CA ASP A 100 -13.34 -1.65 7.07
C ASP A 100 -14.83 -1.50 6.75
N ASP A 101 -15.23 -0.26 6.57
CA ASP A 101 -16.54 0.09 6.07
C ASP A 101 -16.63 -0.10 4.56
N GLU A 102 -15.53 -0.42 3.89
CA GLU A 102 -15.58 -0.69 2.44
C GLU A 102 -15.74 -2.20 2.34
N GLN A 103 -16.18 -2.66 1.19
CA GLN A 103 -16.35 -4.12 0.96
C GLN A 103 -15.14 -4.66 0.21
N TRP A 104 -14.23 -5.30 0.92
CA TRP A 104 -12.99 -5.88 0.35
C TRP A 104 -13.26 -7.16 -0.42
N THR A 105 -12.88 -7.14 -1.72
CA THR A 105 -13.10 -8.31 -2.59
C THR A 105 -11.78 -8.75 -3.21
N LYS A 106 -11.82 -9.82 -3.94
CA LYS A 106 -10.77 -10.42 -4.76
C LYS A 106 -11.21 -10.30 -6.24
N ASP A 107 -12.21 -9.50 -6.52
CA ASP A 107 -12.84 -9.39 -7.80
C ASP A 107 -12.24 -8.21 -8.58
N THR A 108 -12.56 -8.38 -9.86
CA THR A 108 -12.15 -7.37 -10.86
C THR A 108 -13.21 -6.31 -11.04
N THR A 109 -14.33 -6.56 -10.39
CA THR A 109 -15.46 -5.55 -10.39
C THR A 109 -15.64 -5.31 -8.88
N GLY A 110 -15.38 -4.09 -8.40
CA GLY A 110 -15.46 -3.84 -6.91
C GLY A 110 -14.07 -3.45 -6.36
N THR A 111 -14.03 -3.06 -5.09
CA THR A 111 -12.84 -2.62 -4.31
C THR A 111 -11.89 -3.80 -4.05
N ASN A 112 -10.91 -3.96 -4.90
CA ASN A 112 -9.94 -5.09 -4.79
C ASN A 112 -8.85 -4.86 -3.76
N LEU A 113 -8.63 -5.75 -2.81
CA LEU A 113 -7.63 -5.62 -1.75
C LEU A 113 -6.21 -5.59 -2.32
N PHE A 114 -5.88 -6.56 -3.18
CA PHE A 114 -4.51 -6.57 -3.76
C PHE A 114 -4.22 -5.22 -4.43
N LEU A 115 -5.06 -4.65 -5.29
CA LEU A 115 -4.82 -3.41 -6.02
C LEU A 115 -4.53 -2.23 -5.11
N VAL A 116 -5.47 -2.01 -4.17
CA VAL A 116 -5.34 -0.90 -3.19
C VAL A 116 -4.07 -1.12 -2.39
N ALA A 117 -3.78 -2.37 -1.91
CA ALA A 117 -2.56 -2.58 -1.13
C ALA A 117 -1.31 -2.28 -1.94
N ALA A 118 -1.25 -2.63 -3.23
CA ALA A 118 -0.02 -2.32 -4.03
C ALA A 118 0.18 -0.83 -4.13
N HIS A 119 -0.87 0.02 -4.28
CA HIS A 119 -0.81 1.48 -4.34
C HIS A 119 -0.36 2.10 -3.02
N GLU A 120 -0.98 1.69 -1.91
CA GLU A 120 -0.60 2.19 -0.55
C GLU A 120 0.84 1.89 -0.20
N ILE A 121 1.41 0.78 -0.52
CA ILE A 121 2.85 0.44 -0.22
C ILE A 121 3.82 1.35 -0.96
N GLY A 122 3.41 1.81 -2.10
CA GLY A 122 4.08 2.81 -2.95
C GLY A 122 4.22 4.06 -2.05
N HIS A 123 3.15 4.51 -1.42
CA HIS A 123 3.21 5.62 -0.45
C HIS A 123 4.17 5.35 0.69
N SER A 124 4.10 4.16 1.33
CA SER A 124 4.92 3.67 2.40
C SER A 124 6.41 3.62 2.02
N LEU A 125 6.72 3.43 0.76
CA LEU A 125 8.10 3.45 0.30
C LEU A 125 8.61 4.86 -0.08
N GLY A 126 7.77 5.86 -0.25
CA GLY A 126 8.22 7.21 -0.57
C GLY A 126 7.65 7.90 -1.77
N LEU A 127 6.78 7.30 -2.56
CA LEU A 127 6.16 7.88 -3.75
C LEU A 127 4.82 8.55 -3.46
N PHE A 128 4.58 9.71 -4.06
CA PHE A 128 3.34 10.47 -4.01
C PHE A 128 2.58 10.19 -5.31
N HIS A 129 1.66 11.04 -5.70
CA HIS A 129 0.85 10.80 -6.93
C HIS A 129 1.50 11.28 -8.23
N SER A 130 1.28 10.49 -9.27
CA SER A 130 1.76 10.72 -10.65
C SER A 130 0.63 11.38 -11.46
N ALA A 131 1.03 11.96 -12.58
CA ALA A 131 0.14 12.58 -13.59
C ALA A 131 -0.04 11.70 -14.81
N ASN A 132 0.70 10.64 -14.90
CA ASN A 132 0.65 9.65 -16.00
C ASN A 132 -0.52 8.73 -15.75
N THR A 133 -1.47 8.67 -16.68
CA THR A 133 -2.70 7.92 -16.63
C THR A 133 -2.58 6.42 -16.49
N GLU A 134 -1.47 5.86 -16.90
N GLU A 134 -1.44 5.94 -16.94
CA GLU A 134 -1.19 4.41 -16.88
CA GLU A 134 -0.94 4.60 -16.99
C GLU A 134 -0.52 3.93 -15.61
C GLU A 134 -0.41 4.13 -15.62
N ALA A 135 0.01 4.85 -14.80
CA ALA A 135 0.67 4.55 -13.56
C ALA A 135 -0.12 3.93 -12.44
N LEU A 136 0.51 3.08 -11.62
CA LEU A 136 -0.12 2.56 -10.43
C LEU A 136 -0.31 3.72 -9.44
N MET A 137 0.45 4.77 -9.53
CA MET A 137 0.39 5.91 -8.60
C MET A 137 -0.54 7.01 -9.12
N TYR A 138 -1.18 6.91 -10.24
CA TYR A 138 -2.18 7.98 -10.67
C TYR A 138 -3.37 7.80 -9.73
N PRO A 139 -4.02 8.89 -9.28
CA PRO A 139 -5.08 8.83 -8.31
C PRO A 139 -6.28 7.97 -8.60
N LEU A 140 -6.56 7.73 -9.86
CA LEU A 140 -7.77 6.94 -10.24
C LEU A 140 -7.41 5.53 -10.66
N TYR A 141 -6.29 5.02 -10.27
CA TYR A 141 -5.82 3.67 -10.56
C TYR A 141 -6.86 2.60 -10.24
N HIS A 142 -7.62 2.77 -9.18
CA HIS A 142 -8.62 1.75 -8.77
C HIS A 142 -9.73 1.53 -9.77
N SER A 143 -10.11 2.51 -10.58
CA SER A 143 -11.14 2.40 -11.59
C SER A 143 -10.69 1.99 -13.00
N LEU A 144 -9.48 2.29 -13.36
CA LEU A 144 -8.78 2.15 -14.61
C LEU A 144 -7.93 0.91 -14.82
N THR A 145 -7.46 0.15 -13.86
CA THR A 145 -6.61 -1.00 -13.97
C THR A 145 -7.33 -2.34 -14.21
N ASP A 146 -6.91 -2.93 -15.32
CA ASP A 146 -7.31 -4.27 -15.76
C ASP A 146 -6.33 -5.29 -15.14
N LEU A 147 -6.87 -5.97 -14.14
CA LEU A 147 -6.16 -6.94 -13.32
C LEU A 147 -5.67 -8.17 -14.04
N THR A 148 -6.19 -8.39 -15.24
CA THR A 148 -5.76 -9.54 -16.09
C THR A 148 -4.43 -9.20 -16.75
N ARG A 149 -4.23 -7.90 -16.94
CA ARG A 149 -3.01 -7.39 -17.56
C ARG A 149 -2.14 -6.61 -16.57
N PHE A 150 -2.18 -6.84 -15.27
CA PHE A 150 -1.44 -6.01 -14.32
C PHE A 150 0.06 -5.88 -14.53
N ARG A 151 0.58 -4.65 -14.50
CA ARG A 151 2.03 -4.41 -14.58
C ARG A 151 2.43 -3.02 -14.09
N LEU A 152 3.55 -2.83 -13.39
CA LEU A 152 4.00 -1.48 -13.00
C LEU A 152 4.31 -0.66 -14.24
N SER A 153 4.04 0.62 -14.29
CA SER A 153 4.37 1.39 -15.54
C SER A 153 5.84 1.80 -15.46
N GLN A 154 6.38 2.31 -16.59
CA GLN A 154 7.74 2.81 -16.64
C GLN A 154 8.01 3.97 -15.70
N ASP A 155 6.99 4.80 -15.53
CA ASP A 155 6.91 5.94 -14.61
C ASP A 155 7.03 5.54 -13.14
N ASP A 156 6.41 4.45 -12.74
CA ASP A 156 6.46 3.81 -11.42
C ASP A 156 7.89 3.31 -11.15
N ILE A 157 8.38 2.57 -12.14
CA ILE A 157 9.77 2.10 -12.12
C ILE A 157 10.80 3.20 -12.05
N ASN A 158 10.66 4.26 -12.88
CA ASN A 158 11.56 5.41 -12.81
C ASN A 158 11.59 6.06 -11.43
N GLY A 159 10.41 6.38 -10.89
CA GLY A 159 10.18 6.94 -9.58
C GLY A 159 10.87 6.12 -8.49
N ILE A 160 10.60 4.79 -8.40
CA ILE A 160 11.22 4.02 -7.31
C ILE A 160 12.73 3.88 -7.43
N GLN A 161 13.28 3.81 -8.63
CA GLN A 161 14.74 3.79 -8.83
C GLN A 161 15.43 5.07 -8.47
N SER A 162 14.75 6.18 -8.53
CA SER A 162 15.40 7.46 -8.15
C SER A 162 15.63 7.52 -6.66
N LEU A 163 14.85 6.74 -5.89
CA LEU A 163 15.04 6.77 -4.43
C LEU A 163 15.98 5.64 -3.97
N TYR A 164 15.76 4.46 -4.50
CA TYR A 164 16.46 3.26 -4.05
C TYR A 164 17.55 2.73 -4.94
N GLY A 165 17.68 3.08 -6.20
CA GLY A 165 18.74 2.68 -7.09
C GLY A 165 18.60 1.56 -8.06
ZN ZN B . -2.59 7.56 -3.23
ZN ZN C . -5.20 5.97 10.10
CA CA D . -14.54 5.21 3.31
CA CA E . 6.08 2.22 11.28
CA CA F . -15.74 -4.41 5.30
ZN ZN G . 20.99 -3.84 8.82
C1 IN9 H . -1.91 8.60 1.48
C2 IN9 H . -3.36 8.11 -0.36
C3 IN9 H . -0.49 10.28 2.69
C7 IN9 H . 0.00 12.16 5.51
C8 IN9 H . -2.00 13.48 4.88
C9 IN9 H . -1.49 12.29 5.30
C10 IN9 H . -2.29 11.24 5.62
C11 IN9 H . -3.65 11.35 5.43
C12 IN9 H . -4.17 12.52 4.96
C13 IN9 H . -3.37 13.57 4.67
C14 IN9 H . 4.41 12.83 4.69
S1 IN9 H . -2.52 9.49 0.15
N1 IN9 H . -2.31 7.36 1.55
N2 IN9 H . -3.15 7.08 0.47
N3 IN9 H . -0.93 9.03 2.48
S2 IN9 H . -4.45 7.95 -1.79
O1 IN9 H . -0.97 11.32 1.93
N4 IN9 H . 0.39 10.48 3.80
C5 IN9 H . 0.74 11.82 4.20
C6 IN9 H . 2.20 11.77 4.46
O2 IN9 H . 2.68 10.73 4.89
N5 IN9 H . 2.97 12.97 4.29
F10 IN9 H . -1.79 10.04 6.05
F11 IN9 H . -4.50 10.32 5.71
F12 IN9 H . -5.53 12.66 4.84
F13 IN9 H . -3.93 14.78 4.28
F8 IN9 H . -1.26 14.61 4.66
#